data_5ESB
#
_entry.id   5ESB
#
_cell.length_a   55.119
_cell.length_b   58.403
_cell.length_c   60.016
_cell.angle_alpha   90.000
_cell.angle_beta   90.000
_cell.angle_gamma   90.000
#
_symmetry.space_group_name_H-M   'P 21 21 21'
#
loop_
_entity.id
_entity.type
_entity.pdbx_description
1 polymer 'NS3 protease'
2 non-polymer 'ZINC ION'
3 non-polymer 'SULFATE ION'
4 non-polymer (5R,7S,10S)-10-tert-butyl-N-{(1R,2R)-1-[(cyclopropylsulfonyl)carbamoyl]-2-ethylcyclopropyl}-15,15-dimethyl-3,9,12-trioxo-6,7,9,10,11,12,14,15,16,17,18,19-dodecahydro-1H,5H-2,23:5,8-dimethano-4,13,2,8,11-benzodioxatriazacyclohenicosine-7(3H)-carboxamide
5 water water
#
_entity_poly.entity_id   1
_entity_poly.type   'polypeptide(L)'
_entity_poly.pdbx_seq_one_letter_code
;KKKGSVVIVGRINLSGDTAYAQQTRGEEGCQETSQTGRDKNQVEGEVQIVSTATQTFLATSINGVLWTVYHGAGTRTIAS
PKGPVTQMYTNVDKDLVGWQAPQGSRSLTPCTCGSSDLYLVTRHADVIPVRRRGDSTGSLLSPRPLSYLKGSSGGPLLCP
AGHAVGIFRAAVSTRGVAKAVQFIPVESLETTM
;
_entity_poly.pdbx_strand_id   A
#
loop_
_chem_comp.id
_chem_comp.type
_chem_comp.name
_chem_comp.formula
SO4 non-polymer 'SULFATE ION' 'O4 S -2'
SU3 non-polymer (5R,7S,10S)-10-tert-butyl-N-{(1R,2R)-1-[(cyclopropylsulfonyl)carbamoyl]-2-ethylcyclopropyl}-15,15-dimethyl-3,9,12-trioxo-6,7,9,10,11,12,14,15,16,17,18,19-dodecahydro-1H,5H-2,23:5,8-dimethano-4,13,2,8,11-benzodioxatriazacyclohenicosine-7(3H)-carboxamide 'C38 H55 N5 O9 S'
ZN non-polymer 'ZINC ION' 'Zn 2'
#
# COMPACT_ATOMS: atom_id res chain seq x y z
N LYS A 1 -20.20 -1.10 -20.07
CA LYS A 1 -18.86 -0.76 -19.65
C LYS A 1 -18.29 -1.61 -18.52
N LYS A 2 -16.99 -1.72 -18.55
CA LYS A 2 -16.25 -2.43 -17.54
C LYS A 2 -15.20 -1.54 -16.89
N LYS A 3 -15.00 -1.72 -15.61
CA LYS A 3 -13.97 -0.96 -14.93
C LYS A 3 -12.61 -1.55 -15.28
N GLY A 4 -11.61 -0.72 -15.32
CA GLY A 4 -10.28 -1.17 -15.61
C GLY A 4 -9.68 -1.94 -14.44
N SER A 5 -8.47 -2.39 -14.64
CA SER A 5 -7.75 -3.11 -13.65
C SER A 5 -6.95 -2.07 -12.88
N VAL A 6 -6.56 -2.41 -11.67
CA VAL A 6 -5.63 -1.62 -10.93
C VAL A 6 -4.28 -1.84 -11.66
N VAL A 7 -3.49 -0.82 -11.77
CA VAL A 7 -2.24 -0.90 -12.44
C VAL A 7 -1.06 -0.41 -11.62
N ILE A 8 0.00 -1.20 -11.58
CA ILE A 8 1.24 -0.80 -10.90
C ILE A 8 1.90 0.29 -11.77
N VAL A 9 2.11 1.47 -11.22
CA VAL A 9 2.70 2.56 -11.95
C VAL A 9 4.06 2.98 -11.41
N GLY A 10 4.50 2.31 -10.37
CA GLY A 10 5.74 2.63 -9.74
C GLY A 10 5.91 1.88 -8.45
N ARG A 11 6.92 2.30 -7.71
CA ARG A 11 7.31 1.71 -6.46
C ARG A 11 8.09 2.66 -5.53
N ILE A 12 8.14 2.25 -4.27
CA ILE A 12 8.91 2.96 -3.28
C ILE A 12 10.21 2.19 -3.09
N ASN A 13 11.31 2.74 -3.53
CA ASN A 13 12.59 2.07 -3.34
C ASN A 13 13.12 2.18 -1.91
N LEU A 14 13.25 1.07 -1.22
CA LEU A 14 13.78 1.05 0.13
C LEU A 14 14.99 0.11 0.20
N SER A 15 15.50 -0.24 -0.96
CA SER A 15 16.61 -1.15 -1.11
C SER A 15 17.91 -0.66 -0.52
N GLY A 16 18.29 0.57 -0.82
CA GLY A 16 19.53 1.08 -0.32
C GLY A 16 19.45 1.84 0.96
N ASP A 17 20.28 2.84 1.06
CA ASP A 17 20.31 3.70 2.21
C ASP A 17 19.43 4.91 2.01
N THR A 18 18.76 4.99 0.89
CA THR A 18 17.89 6.12 0.63
C THR A 18 16.54 5.68 0.09
N ALA A 19 15.51 6.14 0.73
CA ALA A 19 14.19 5.86 0.31
C ALA A 19 13.78 6.88 -0.74
N TYR A 20 13.34 6.44 -1.89
CA TYR A 20 12.84 7.34 -2.96
C TYR A 20 11.84 6.66 -3.86
N ALA A 21 10.88 7.42 -4.36
CA ALA A 21 9.88 6.88 -5.28
C ALA A 21 10.38 6.82 -6.74
N GLN A 22 9.89 5.83 -7.44
CA GLN A 22 10.23 5.60 -8.80
C GLN A 22 8.98 5.33 -9.63
N GLN A 23 8.82 6.07 -10.71
CA GLN A 23 7.72 5.81 -11.57
C GLN A 23 8.27 4.89 -12.62
N THR A 24 7.51 3.87 -12.87
CA THR A 24 7.84 2.86 -13.85
C THR A 24 6.87 2.90 -15.07
N ARG A 25 5.75 3.58 -14.95
CA ARG A 25 4.79 3.74 -16.00
C ARG A 25 4.01 5.06 -15.99
N GLY A 26 3.99 5.71 -17.13
CA GLY A 26 3.28 6.93 -17.36
C GLY A 26 1.79 6.75 -17.59
N GLU A 27 1.09 7.85 -17.55
CA GLU A 27 -0.36 7.91 -17.70
C GLU A 27 -1.01 7.28 -18.89
N GLU A 28 -0.52 7.49 -20.11
CA GLU A 28 -1.15 6.83 -21.25
C GLU A 28 -1.01 5.30 -21.10
N GLY A 29 0.17 4.85 -20.76
CA GLY A 29 0.49 3.46 -20.55
C GLY A 29 -0.40 2.87 -19.49
N CYS A 30 -0.62 3.61 -18.42
CA CYS A 30 -1.46 3.20 -17.35
C CYS A 30 -2.91 2.99 -17.83
N GLN A 31 -3.40 3.98 -18.54
CA GLN A 31 -4.75 3.99 -19.10
C GLN A 31 -5.00 2.77 -19.95
N GLU A 32 -4.03 2.42 -20.77
CA GLU A 32 -4.12 1.27 -21.65
C GLU A 32 -4.05 -0.08 -20.93
N THR A 33 -3.12 -0.18 -19.99
CA THR A 33 -2.87 -1.33 -19.18
C THR A 33 -4.09 -1.61 -18.30
N SER A 34 -4.73 -0.57 -17.82
CA SER A 34 -5.89 -0.73 -17.01
C SER A 34 -7.02 -1.39 -17.83
N GLN A 35 -7.20 -0.94 -19.06
CA GLN A 35 -8.22 -1.44 -19.97
C GLN A 35 -8.04 -2.91 -20.35
N THR A 36 -6.81 -3.29 -20.68
CA THR A 36 -6.44 -4.63 -21.07
C THR A 36 -6.12 -5.64 -19.93
N GLY A 37 -5.64 -5.15 -18.80
CA GLY A 37 -5.20 -5.96 -17.69
C GLY A 37 -3.89 -6.66 -18.02
N ARG A 38 -3.24 -6.22 -19.09
CA ARG A 38 -2.02 -6.84 -19.51
C ARG A 38 -0.83 -5.97 -19.23
N ASP A 39 -0.09 -6.33 -18.22
CA ASP A 39 1.07 -5.57 -17.81
C ASP A 39 2.34 -6.37 -17.85
N LYS A 40 3.19 -6.04 -18.81
CA LYS A 40 4.43 -6.73 -18.98
C LYS A 40 5.65 -6.16 -18.23
N ASN A 41 5.49 -5.05 -17.53
CA ASN A 41 6.61 -4.44 -16.84
C ASN A 41 7.16 -5.28 -15.71
N GLN A 42 8.46 -5.23 -15.52
CA GLN A 42 9.11 -5.91 -14.42
C GLN A 42 8.70 -5.24 -13.10
N VAL A 43 8.27 -6.05 -12.14
CA VAL A 43 7.87 -5.61 -10.81
C VAL A 43 9.02 -5.85 -9.83
N GLU A 44 9.31 -4.86 -9.02
CA GLU A 44 10.35 -4.89 -7.99
C GLU A 44 9.91 -4.31 -6.66
N GLY A 45 10.46 -4.87 -5.60
CA GLY A 45 10.21 -4.42 -4.28
C GLY A 45 8.95 -4.76 -3.54
N GLU A 46 8.86 -4.16 -2.35
CA GLU A 46 7.79 -4.36 -1.38
C GLU A 46 6.60 -3.41 -1.53
N VAL A 47 6.92 -2.17 -1.77
CA VAL A 47 5.97 -1.11 -1.89
C VAL A 47 5.75 -0.58 -3.31
N GLN A 48 4.60 -0.94 -3.82
CA GLN A 48 4.16 -0.53 -5.13
C GLN A 48 3.29 0.74 -5.09
N ILE A 49 3.44 1.58 -6.09
CA ILE A 49 2.57 2.70 -6.29
C ILE A 49 1.58 2.20 -7.37
N VAL A 50 0.30 2.26 -7.06
CA VAL A 50 -0.80 1.78 -7.91
C VAL A 50 -1.81 2.85 -8.36
N SER A 51 -2.57 2.53 -9.39
CA SER A 51 -3.55 3.41 -9.97
C SER A 51 -4.72 2.77 -10.64
N THR A 52 -5.81 3.50 -10.62
CA THR A 52 -7.01 3.16 -11.33
C THR A 52 -7.14 4.33 -12.31
N ALA A 53 -8.25 4.40 -13.02
CA ALA A 53 -8.47 5.50 -13.93
C ALA A 53 -8.68 6.79 -13.13
N THR A 54 -9.21 6.63 -11.95
CA THR A 54 -9.56 7.73 -11.09
C THR A 54 -8.75 8.06 -9.83
N GLN A 55 -8.07 7.07 -9.29
CA GLN A 55 -7.35 7.23 -8.07
C GLN A 55 -5.91 6.69 -8.09
N THR A 56 -5.10 7.17 -7.17
CA THR A 56 -3.72 6.70 -7.01
C THR A 56 -3.42 6.54 -5.55
N PHE A 57 -2.83 5.41 -5.22
CA PHE A 57 -2.52 5.01 -3.90
C PHE A 57 -1.35 4.01 -3.84
N LEU A 58 -1.25 3.24 -2.78
CA LEU A 58 -0.18 2.30 -2.56
C LEU A 58 -0.63 0.88 -2.34
N ALA A 59 0.23 -0.05 -2.60
CA ALA A 59 -0.05 -1.44 -2.36
C ALA A 59 1.23 -2.11 -1.76
N THR A 60 1.05 -2.95 -0.76
CA THR A 60 2.10 -3.57 -0.02
C THR A 60 2.17 -5.12 -0.03
N SER A 61 3.36 -5.63 -0.25
CA SER A 61 3.57 -7.05 -0.25
C SER A 61 3.91 -7.64 1.11
N ILE A 62 3.08 -8.55 1.57
CA ILE A 62 3.27 -9.24 2.82
C ILE A 62 2.81 -10.69 2.64
N ASN A 63 3.71 -11.60 3.00
CA ASN A 63 3.54 -13.03 2.86
C ASN A 63 3.10 -13.50 1.48
N GLY A 64 3.71 -12.99 0.44
CA GLY A 64 3.38 -13.37 -0.91
C GLY A 64 2.02 -12.86 -1.40
N VAL A 65 1.51 -11.83 -0.79
CA VAL A 65 0.25 -11.20 -1.12
C VAL A 65 0.43 -9.68 -1.22
N LEU A 66 0.05 -9.12 -2.36
CA LEU A 66 0.06 -7.70 -2.58
C LEU A 66 -1.24 -7.09 -2.01
N TRP A 67 -1.11 -6.37 -0.92
CA TRP A 67 -2.23 -5.77 -0.21
C TRP A 67 -2.44 -4.26 -0.44
N THR A 68 -3.71 -3.89 -0.46
CA THR A 68 -4.24 -2.56 -0.58
C THR A 68 -5.67 -2.37 0.05
N VAL A 69 -6.16 -1.14 0.02
CA VAL A 69 -7.45 -0.77 0.54
C VAL A 69 -8.62 -0.89 -0.44
N TYR A 70 -9.75 -1.33 0.08
CA TYR A 70 -10.97 -1.44 -0.71
C TYR A 70 -11.42 -0.07 -1.28
N HIS A 71 -11.29 0.99 -0.51
CA HIS A 71 -11.66 2.35 -0.92
C HIS A 71 -10.88 2.84 -2.16
N GLY A 72 -9.73 2.28 -2.37
CA GLY A 72 -8.95 2.55 -3.51
C GLY A 72 -9.23 1.59 -4.63
N ALA A 73 -9.09 0.31 -4.35
CA ALA A 73 -9.24 -0.75 -5.32
C ALA A 73 -10.59 -1.32 -5.72
N GLY A 74 -11.54 -1.24 -4.84
CA GLY A 74 -12.84 -1.82 -5.01
C GLY A 74 -12.61 -3.31 -5.11
N THR A 75 -13.33 -3.93 -6.01
CA THR A 75 -13.24 -5.32 -6.27
C THR A 75 -12.38 -5.60 -7.54
N ARG A 76 -11.69 -4.59 -8.02
CA ARG A 76 -10.90 -4.70 -9.22
C ARG A 76 -9.80 -5.73 -9.25
N THR A 77 -9.64 -6.25 -10.44
CA THR A 77 -8.62 -7.16 -10.78
C THR A 77 -7.34 -6.34 -10.88
N ILE A 78 -6.21 -7.01 -10.88
CA ILE A 78 -4.95 -6.34 -11.04
C ILE A 78 -4.29 -6.75 -12.34
N ALA A 79 -3.75 -5.77 -13.02
CA ALA A 79 -3.06 -6.00 -14.26
C ALA A 79 -1.74 -6.74 -14.06
N SER A 80 -1.58 -7.78 -14.86
CA SER A 80 -0.41 -8.64 -14.87
C SER A 80 0.10 -9.04 -16.28
N PRO A 81 1.28 -9.62 -16.38
CA PRO A 81 1.80 -10.08 -17.67
C PRO A 81 0.87 -11.05 -18.43
N LYS A 82 0.05 -11.80 -17.74
CA LYS A 82 -0.84 -12.71 -18.41
C LYS A 82 -2.29 -12.29 -18.37
N GLY A 83 -2.54 -11.03 -18.09
CA GLY A 83 -3.87 -10.52 -18.01
C GLY A 83 -4.37 -10.22 -16.61
N PRO A 84 -5.59 -9.74 -16.52
CA PRO A 84 -6.17 -9.38 -15.24
C PRO A 84 -6.16 -10.54 -14.23
N VAL A 85 -5.72 -10.24 -13.05
CA VAL A 85 -5.69 -11.18 -11.97
C VAL A 85 -6.77 -10.86 -10.92
N THR A 86 -7.64 -11.77 -10.70
CA THR A 86 -8.68 -11.60 -9.71
C THR A 86 -8.19 -11.59 -8.25
N GLN A 87 -8.82 -10.75 -7.44
CA GLN A 87 -8.57 -10.67 -6.03
C GLN A 87 -8.76 -12.05 -5.34
N MET A 88 -7.85 -12.35 -4.46
CA MET A 88 -7.88 -13.57 -3.69
C MET A 88 -8.41 -13.29 -2.28
N TYR A 89 -8.42 -12.04 -1.95
CA TYR A 89 -8.92 -11.48 -0.73
C TYR A 89 -9.70 -10.19 -0.99
N THR A 90 -10.88 -10.15 -0.42
CA THR A 90 -11.74 -8.99 -0.46
C THR A 90 -12.49 -8.87 0.86
N ASN A 91 -12.32 -7.76 1.54
CA ASN A 91 -12.96 -7.44 2.80
C ASN A 91 -13.27 -5.96 3.02
N VAL A 92 -14.52 -5.62 2.68
CA VAL A 92 -15.06 -4.34 2.79
C VAL A 92 -15.13 -3.86 4.24
N ASP A 93 -15.39 -4.78 5.16
CA ASP A 93 -15.44 -4.43 6.56
C ASP A 93 -14.07 -3.95 7.08
N LYS A 94 -12.99 -4.50 6.55
CA LYS A 94 -11.66 -4.07 6.95
C LYS A 94 -10.98 -3.06 6.01
N ASP A 95 -11.67 -2.67 4.95
CA ASP A 95 -11.15 -1.80 3.93
C ASP A 95 -9.90 -2.45 3.32
N LEU A 96 -10.00 -3.74 3.19
CA LEU A 96 -8.93 -4.55 2.73
C LEU A 96 -9.18 -5.48 1.58
N VAL A 97 -8.23 -5.46 0.69
CA VAL A 97 -8.14 -6.29 -0.51
C VAL A 97 -6.71 -6.80 -0.72
N GLY A 98 -6.62 -7.94 -1.39
CA GLY A 98 -5.42 -8.62 -1.76
C GLY A 98 -5.40 -9.52 -3.02
N TRP A 99 -4.28 -9.53 -3.70
CA TRP A 99 -3.98 -10.31 -4.89
C TRP A 99 -2.67 -11.08 -4.67
N GLN A 100 -2.52 -12.22 -5.31
CA GLN A 100 -1.28 -12.94 -5.27
C GLN A 100 -0.15 -11.92 -5.70
N ALA A 101 0.90 -11.86 -4.91
CA ALA A 101 2.04 -11.02 -5.13
C ALA A 101 2.68 -11.27 -6.50
N PRO A 102 2.88 -10.22 -7.26
CA PRO A 102 3.46 -10.34 -8.60
C PRO A 102 4.90 -10.79 -8.63
N GLN A 103 5.21 -11.65 -9.59
CA GLN A 103 6.56 -12.15 -9.76
C GLN A 103 7.52 -10.97 -9.86
N GLY A 104 8.60 -11.04 -9.11
CA GLY A 104 9.58 -9.98 -9.08
C GLY A 104 9.53 -9.14 -7.82
N SER A 105 8.37 -9.04 -7.23
CA SER A 105 8.20 -8.32 -5.99
C SER A 105 8.85 -9.04 -4.79
N ARG A 106 9.06 -8.34 -3.70
CA ARG A 106 9.60 -9.00 -2.52
C ARG A 106 8.58 -8.69 -1.43
N SER A 107 8.35 -9.61 -0.54
CA SER A 107 7.36 -9.48 0.49
C SER A 107 7.93 -9.14 1.86
N LEU A 108 7.22 -8.38 2.65
CA LEU A 108 7.63 -8.08 3.98
C LEU A 108 7.17 -9.15 4.93
N THR A 109 7.94 -9.36 5.96
CA THR A 109 7.63 -10.30 7.03
C THR A 109 6.77 -9.68 8.10
N PRO A 110 5.69 -10.33 8.49
CA PRO A 110 4.83 -9.81 9.55
C PRO A 110 5.61 -9.66 10.89
N CYS A 111 5.50 -8.52 11.54
CA CYS A 111 6.18 -8.25 12.80
C CYS A 111 5.71 -9.15 13.96
N THR A 112 6.68 -9.57 14.73
CA THR A 112 6.47 -10.39 15.91
C THR A 112 7.24 -9.74 17.09
N CYS A 113 7.67 -8.50 16.89
CA CYS A 113 8.40 -7.74 17.89
C CYS A 113 7.62 -7.17 19.06
N GLY A 114 6.31 -7.04 18.95
CA GLY A 114 5.49 -6.46 20.00
C GLY A 114 5.92 -5.08 20.41
N SER A 115 6.54 -4.35 19.50
CA SER A 115 7.12 -3.04 19.66
C SER A 115 6.22 -1.86 19.19
N SER A 116 6.32 -0.75 19.87
CA SER A 116 5.53 0.40 19.55
C SER A 116 6.17 1.60 18.83
N ASP A 117 7.42 1.48 18.46
CA ASP A 117 8.13 2.55 17.72
C ASP A 117 8.09 2.17 16.25
N LEU A 118 7.20 2.79 15.52
CA LEU A 118 6.96 2.51 14.13
C LEU A 118 7.36 3.54 13.10
N TYR A 119 7.31 3.14 11.85
CA TYR A 119 7.62 3.95 10.70
C TYR A 119 6.68 3.80 9.54
N LEU A 120 6.05 4.90 9.18
CA LEU A 120 5.16 4.95 8.07
C LEU A 120 5.84 5.37 6.76
N VAL A 121 5.61 4.59 5.73
CA VAL A 121 6.16 4.89 4.43
C VAL A 121 5.14 5.49 3.49
N THR A 122 5.34 6.73 3.13
CA THR A 122 4.45 7.41 2.18
C THR A 122 4.82 7.21 0.68
N ARG A 123 3.86 7.59 -0.16
CA ARG A 123 3.89 7.57 -1.61
C ARG A 123 5.00 8.46 -2.13
N HIS A 124 5.43 9.39 -1.31
CA HIS A 124 6.49 10.26 -1.65
C HIS A 124 7.85 9.75 -1.11
N ALA A 125 7.86 8.53 -0.59
CA ALA A 125 9.04 7.91 0.02
C ALA A 125 9.52 8.64 1.30
N ASP A 126 8.59 9.28 1.96
CA ASP A 126 8.89 9.89 3.20
C ASP A 126 8.74 8.78 4.25
N VAL A 127 9.69 8.71 5.16
CA VAL A 127 9.70 7.77 6.28
C VAL A 127 9.36 8.55 7.54
N ILE A 128 8.15 8.35 7.99
CA ILE A 128 7.56 9.02 9.10
C ILE A 128 7.50 8.24 10.41
N PRO A 129 8.14 8.76 11.44
CA PRO A 129 8.12 8.09 12.74
C PRO A 129 6.72 8.14 13.36
N VAL A 130 6.22 7.01 13.80
CA VAL A 130 4.91 6.93 14.39
C VAL A 130 4.96 6.12 15.69
N ARG A 131 4.35 6.61 16.73
CA ARG A 131 4.25 5.89 17.94
C ARG A 131 2.89 5.15 17.99
N ARG A 132 2.95 3.84 18.14
CA ARG A 132 1.79 2.99 18.26
C ARG A 132 0.97 3.34 19.54
N ARG A 133 -0.31 3.62 19.35
CA ARG A 133 -1.23 4.03 20.38
C ARG A 133 -2.34 3.07 20.73
N GLY A 134 -2.51 2.03 19.93
CA GLY A 134 -3.50 1.01 20.12
C GLY A 134 -3.39 -0.09 19.07
N ASP A 135 -4.35 -0.98 19.01
CA ASP A 135 -4.29 -2.03 18.03
C ASP A 135 -4.26 -1.47 16.59
N SER A 136 -4.99 -0.41 16.38
CA SER A 136 -5.18 0.19 15.09
C SER A 136 -4.78 1.61 14.83
N THR A 137 -4.21 2.28 15.81
CA THR A 137 -3.82 3.66 15.64
C THR A 137 -2.38 3.93 16.05
N GLY A 138 -1.91 5.05 15.59
CA GLY A 138 -0.60 5.56 15.87
C GLY A 138 -0.47 7.05 15.63
N SER A 139 0.24 7.73 16.51
CA SER A 139 0.45 9.15 16.43
C SER A 139 1.71 9.53 15.70
N LEU A 140 1.61 10.59 14.93
CA LEU A 140 2.72 11.15 14.22
C LEU A 140 3.54 11.94 15.22
N LEU A 141 4.83 11.82 15.13
CA LEU A 141 5.68 12.50 16.06
C LEU A 141 5.70 13.99 15.72
N SER A 142 5.66 14.28 14.43
CA SER A 142 5.58 15.62 13.89
C SER A 142 4.31 15.58 13.04
N PRO A 143 3.21 16.21 13.46
CA PRO A 143 1.97 16.18 12.67
C PRO A 143 2.09 16.89 11.31
N ARG A 144 1.27 16.45 10.37
CA ARG A 144 1.28 16.99 9.04
C ARG A 144 -0.09 17.29 8.49
N PRO A 145 -0.15 18.22 7.54
CA PRO A 145 -1.44 18.52 6.92
C PRO A 145 -1.88 17.29 6.18
N LEU A 146 -3.17 17.13 6.07
CA LEU A 146 -3.74 16.01 5.38
C LEU A 146 -3.10 15.81 3.98
N SER A 147 -2.95 16.88 3.24
CA SER A 147 -2.36 16.85 1.91
C SER A 147 -1.15 15.88 1.80
N TYR A 148 -0.22 15.99 2.73
CA TYR A 148 0.96 15.21 2.82
C TYR A 148 0.75 13.66 2.87
N LEU A 149 -0.31 13.22 3.50
CA LEU A 149 -0.66 11.80 3.59
C LEU A 149 -1.55 11.25 2.49
N LYS A 150 -2.27 12.11 1.79
CA LYS A 150 -3.19 11.73 0.76
C LYS A 150 -2.53 10.89 -0.33
N GLY A 151 -3.20 9.80 -0.66
CA GLY A 151 -2.72 8.86 -1.62
C GLY A 151 -1.70 7.87 -1.08
N SER A 152 -1.56 7.79 0.24
CA SER A 152 -0.67 6.85 0.89
C SER A 152 -1.32 5.61 1.51
N SER A 153 -2.65 5.56 1.47
CA SER A 153 -3.40 4.41 1.88
C SER A 153 -2.87 3.21 1.12
N GLY A 154 -2.72 2.11 1.80
CA GLY A 154 -2.18 0.93 1.23
C GLY A 154 -0.69 0.72 1.47
N GLY A 155 -0.04 1.69 2.07
CA GLY A 155 1.34 1.65 2.39
C GLY A 155 1.60 1.03 3.76
N PRO A 156 2.83 0.70 4.01
CA PRO A 156 3.17 0.09 5.29
C PRO A 156 3.58 0.98 6.46
N LEU A 157 3.39 0.35 7.59
CA LEU A 157 3.79 0.76 8.89
C LEU A 157 4.82 -0.31 9.20
N LEU A 158 6.03 0.10 9.44
CA LEU A 158 7.12 -0.78 9.75
C LEU A 158 7.67 -0.62 11.12
N CYS A 159 8.20 -1.71 11.64
CA CYS A 159 8.84 -1.78 12.92
C CYS A 159 10.35 -1.42 12.74
N PRO A 160 11.11 -1.31 13.79
CA PRO A 160 12.54 -0.94 13.62
C PRO A 160 13.43 -1.97 12.89
N ALA A 161 12.97 -3.20 12.87
CA ALA A 161 13.61 -4.32 12.25
C ALA A 161 13.23 -4.41 10.78
N GLY A 162 12.18 -3.73 10.41
CA GLY A 162 11.72 -3.77 9.06
C GLY A 162 10.55 -4.70 8.87
N HIS A 163 10.03 -5.26 9.94
CA HIS A 163 8.90 -6.11 9.83
C HIS A 163 7.65 -5.21 9.49
N ALA A 164 6.64 -5.78 8.85
CA ALA A 164 5.41 -5.06 8.55
C ALA A 164 4.48 -5.10 9.76
N VAL A 165 4.07 -3.96 10.23
CA VAL A 165 3.20 -3.86 11.36
C VAL A 165 1.74 -3.66 10.95
N GLY A 166 1.57 -3.06 9.79
CA GLY A 166 0.29 -2.75 9.20
C GLY A 166 0.17 -1.92 7.93
N ILE A 167 -1.07 -1.78 7.47
CA ILE A 167 -1.42 -1.08 6.26
C ILE A 167 -2.26 0.18 6.53
N PHE A 168 -1.69 1.33 6.17
CA PHE A 168 -2.31 2.65 6.29
C PHE A 168 -3.73 2.66 5.66
N ARG A 169 -4.69 2.96 6.47
CA ARG A 169 -6.08 2.93 6.10
C ARG A 169 -6.76 4.28 5.99
N ALA A 170 -6.70 5.04 7.06
CA ALA A 170 -7.28 6.36 7.23
C ALA A 170 -6.45 7.28 8.16
N ALA A 171 -6.57 8.57 7.97
CA ALA A 171 -5.91 9.53 8.79
C ALA A 171 -6.85 10.11 9.88
N VAL A 172 -6.29 10.47 10.99
CA VAL A 172 -6.95 11.08 12.12
C VAL A 172 -6.65 12.56 11.98
N SER A 173 -7.60 13.26 11.42
CA SER A 173 -7.45 14.64 11.12
C SER A 173 -8.39 15.64 11.75
N THR A 174 -7.83 16.73 12.17
CA THR A 174 -8.58 17.79 12.76
C THR A 174 -8.36 19.10 12.10
N ARG A 175 -9.35 19.56 11.41
CA ARG A 175 -9.23 20.83 10.74
C ARG A 175 -8.00 20.80 9.84
N GLY A 176 -7.94 19.76 9.03
CA GLY A 176 -6.88 19.52 8.09
C GLY A 176 -5.53 19.09 8.60
N VAL A 177 -5.37 18.95 9.90
CA VAL A 177 -4.11 18.54 10.46
C VAL A 177 -4.18 17.07 10.88
N ALA A 178 -3.29 16.28 10.35
CA ALA A 178 -3.22 14.91 10.75
C ALA A 178 -2.24 14.76 11.95
N LYS A 179 -2.77 14.37 13.08
CA LYS A 179 -1.97 14.14 14.26
C LYS A 179 -1.74 12.63 14.44
N ALA A 180 -2.55 11.81 13.79
CA ALA A 180 -2.43 10.37 13.89
C ALA A 180 -2.85 9.62 12.63
N VAL A 181 -2.60 8.35 12.59
CA VAL A 181 -2.96 7.47 11.52
C VAL A 181 -3.70 6.22 12.00
N GLN A 182 -4.59 5.75 11.18
CA GLN A 182 -5.33 4.57 11.48
C GLN A 182 -4.94 3.50 10.47
N PHE A 183 -4.67 2.32 10.96
CA PHE A 183 -4.21 1.25 10.12
C PHE A 183 -4.82 -0.10 10.32
N ILE A 184 -4.59 -0.95 9.34
CA ILE A 184 -5.01 -2.32 9.39
C ILE A 184 -3.83 -3.10 9.98
N PRO A 185 -4.01 -3.64 11.19
CA PRO A 185 -2.91 -4.40 11.82
C PRO A 185 -2.60 -5.65 11.01
N VAL A 186 -1.34 -6.03 11.00
CA VAL A 186 -0.87 -7.17 10.27
C VAL A 186 -1.54 -8.47 10.73
N GLU A 187 -1.96 -8.54 11.98
CA GLU A 187 -2.62 -9.72 12.48
C GLU A 187 -3.94 -9.96 11.73
N SER A 188 -4.59 -8.89 11.34
CA SER A 188 -5.80 -8.98 10.58
C SER A 188 -5.54 -9.63 9.24
N LEU A 189 -4.40 -9.32 8.65
CA LEU A 189 -4.00 -9.88 7.40
C LEU A 189 -3.74 -11.37 7.52
N GLU A 190 -3.00 -11.73 8.55
CA GLU A 190 -2.65 -13.10 8.86
C GLU A 190 -3.88 -13.91 9.08
N THR A 191 -4.89 -13.32 9.68
CA THR A 191 -6.17 -13.97 9.93
C THR A 191 -6.96 -14.19 8.62
N THR A 192 -7.03 -13.15 7.81
CA THR A 192 -7.66 -13.16 6.51
C THR A 192 -7.03 -14.30 5.72
N MET A 193 -5.71 -14.38 5.78
CA MET A 193 -4.95 -15.40 5.10
C MET A 193 -5.32 -16.79 5.61
ZN ZN B . 9.18 -6.33 14.15
S SO4 C . -9.25 -4.43 11.32
O1 SO4 C . -8.28 -4.81 10.29
O2 SO4 C . -9.45 -5.57 12.24
O3 SO4 C . -10.54 -4.08 10.69
O4 SO4 C . -8.74 -3.26 12.08
S SO4 D . -17.71 0.19 -3.91
O1 SO4 D . -18.21 -1.12 -3.43
O2 SO4 D . -16.44 -0.02 -4.64
O3 SO4 D . -17.48 1.06 -2.74
O4 SO4 D . -18.70 0.84 -4.82
C SU3 E . -8.66 7.79 3.42
N SU3 E . -10.40 8.25 4.90
O SU3 E . -8.75 8.80 2.80
CA SU3 E . -9.75 7.22 4.00
CB SU3 E . -10.84 6.81 3.05
CG SU3 E . -12.11 7.04 3.82
CAF SU3 E . -9.88 9.00 5.81
OAG SU3 E . -8.71 8.93 6.02
CAH SU3 E . -10.63 9.91 6.54
NAI SU3 E . -10.49 9.62 7.95
CAJ SU3 E . -11.40 9.21 8.79
OAK SU3 E . -10.94 8.97 9.99
CAL SU3 E . -10.35 11.40 6.13
OAM SU3 E . -12.55 9.10 8.45
CAO SU3 E . -12.79 4.89 4.42
OAP SU3 E . -13.26 4.64 3.35
NAQ SU3 E . -12.72 3.94 5.30
CAR SU3 E . -5.03 10.09 3.65
CAS SU3 E . -5.85 11.24 3.10
CAT SU3 E . -11.33 12.29 6.87
NAV SU3 E . -7.52 7.21 3.63
CAX SU3 E . -6.26 7.78 3.21
CAY SU3 E . -5.75 7.84 1.75
CAZ SU3 E . -5.90 8.95 4.10
CBA SU3 E . -5.21 7.67 4.29
CBB SU3 E . -13.18 2.59 5.12
CBC SU3 E . -12.98 2.00 6.29
CBD SU3 E . -12.42 2.86 7.13
CBE SU3 E . -12.22 4.07 6.57
CBF SU3 E . -13.26 0.76 6.67
CBG SU3 E . -12.93 0.35 7.96
CBH SU3 E . -12.34 1.26 8.83
CBI SU3 E . -12.09 2.56 8.41
CBJ SU3 E . -11.46 3.48 9.26
NBK SU3 E . -6.55 7.53 0.71
OBL SU3 E . -4.63 8.21 1.60
SBM SU3 E . -6.12 7.59 -0.71
CBN SU3 E . -7.57 6.81 -1.75
OBO SU3 E . -6.06 8.93 -1.11
OBP SU3 E . -4.89 7.00 -0.97
CBQ SU3 E . -7.28 6.59 -3.13
CBR SU3 E . -7.35 5.45 -2.19
CBS SU3 E . -12.03 3.64 10.65
CBT SU3 E . -11.40 4.80 11.47
CBU SU3 E . -11.68 6.21 10.85
CBV SU3 E . -11.43 7.43 11.74
CBW SU3 E . -11.74 8.74 10.99
CBX SU3 E . -12.37 7.42 12.93
CBY SU3 E . -10.03 7.41 12.27
CBZ SU3 E . -8.93 11.84 6.46
CCA SU3 E . -10.55 11.58 4.63
CD1 SU3 E . -11.82 8.28 4.54
OD2 SU3 E . -12.35 6.06 4.76
#